data_4F7J
#
_entry.id   4F7J
#
_cell.length_a   71.529
_cell.length_b   71.908
_cell.length_c   176.897
_cell.angle_alpha   90.00
_cell.angle_beta   90.00
_cell.angle_gamma   90.00
#
_symmetry.space_group_name_H-M   'P 21 21 21'
#
loop_
_entity.id
_entity.type
_entity.pdbx_description
1 polymer 'Cyclin-dependent kinase 8'
2 polymer Cyclin-C
3 non-polymer 1-[3-tert-butyl-1-(4-methylphenyl)-1H-pyrazol-5-yl]-3-(2-hydroxyethyl)urea
4 non-polymer 1,2-ETHANEDIOL
5 non-polymer 'FORMIC ACID'
6 water water
#
loop_
_entity_poly.entity_id
_entity_poly.type
_entity_poly.pdbx_seq_one_letter_code
_entity_poly.pdbx_strand_id
1 'polypeptide(L)'
;DKMDYDFKVKLSSERERVEDLFEYEGCKVGRGTYGHVYKAKRKDGKDDKDYALKQIEGTGISMSACREIALLRELKHPNV
ISLQKVFLSHADRKVWLLFDYAEHDLWHIIKFHRASKANKKPVQLPRGMVKSLLYQILDGIHYLHANWVLHRDLKPANIL
VMGEGPERGRVKIADMGFARLFNSPLKPLADLDPVVVTFWYRAPELLLGARHYTKAIDIWAIGCIFAELLTSEPIFHCRQ
EDIKTSNPYHHDQLDRIFNVMGFPADKDWEDIKKMPEHSTLMKDFRRNTYTNCSLIKYMEKHKVKPDSKAFHLLQKLLTM
DPIKRITSEQAMQDPYFLEDPLPTSDVFAGCQIPYPKREFLTEEEPDDKGDKKNQQQQQGNNHTNGTGHPGNQDSSHTQG
PPLKK
;
A
2 'polypeptide(L)'
;DDKAMAGNFWQSSHYLQWILDKQDLLKERQKDLKFLSEEEYWKLQIFFTNVIQALGEHLKLRQQVIATATVYFKRFYARY
SLKSIDPVLMAPTCVFLASKVEEFGVVSNTRLIAAATSVLKTRFSYAFPKEFPYRMNHILECEFYLLELMDCCLIVYHPY
RPLLQYVQDMGQEDMLLPLAWRIVNDTYRTDLCLLYPPFMIALACLHVACVVQQKDARQWFAELSVDMEKILEIIRVILK
LYEQWKNFDERKEMATILSKMPKPKPPPNSEGEQGPNGSQNSSYSQS
;
B
#
loop_
_chem_comp.id
_chem_comp.type
_chem_comp.name
_chem_comp.formula
0SU non-polymer 1-[3-tert-butyl-1-(4-methylphenyl)-1H-pyrazol-5-yl]-3-(2-hydroxyethyl)urea 'C17 H24 N4 O2'
EDO non-polymer 1,2-ETHANEDIOL 'C2 H6 O2'
FMT non-polymer 'FORMIC ACID' 'C H2 O2'
#
# COMPACT_ATOMS: atom_id res chain seq x y z
N MET A 3 3.83 22.88 21.16
CA MET A 3 2.99 21.72 21.60
C MET A 3 2.54 21.89 23.04
N ASP A 4 1.46 21.20 23.39
CA ASP A 4 1.02 21.10 24.78
C ASP A 4 1.95 20.15 25.53
N TYR A 5 2.34 20.52 26.74
CA TYR A 5 3.28 19.72 27.52
C TYR A 5 2.62 18.48 28.14
N ASP A 6 1.36 18.61 28.55
CA ASP A 6 0.63 17.46 29.14
C ASP A 6 0.43 16.36 28.11
N PHE A 7 0.21 16.77 26.87
CA PHE A 7 0.10 15.88 25.72
C PHE A 7 1.42 15.09 25.49
N LYS A 8 2.53 15.83 25.36
CA LYS A 8 3.84 15.20 25.13
C LYS A 8 4.17 14.14 26.20
N VAL A 9 4.08 14.53 27.46
CA VAL A 9 4.41 13.61 28.57
C VAL A 9 3.45 12.43 28.75
N LYS A 10 2.15 12.62 28.48
CA LYS A 10 1.17 11.54 28.57
C LYS A 10 1.43 10.47 27.51
N LEU A 11 1.58 10.88 26.25
CA LEU A 11 1.90 9.96 25.16
C LEU A 11 3.26 9.31 25.36
N SER A 12 4.21 10.08 25.88
CA SER A 12 5.55 9.58 26.15
C SER A 12 5.49 8.44 27.14
N SER A 13 4.79 8.69 28.26
CA SER A 13 4.56 7.70 29.31
C SER A 13 3.96 6.41 28.77
N GLU A 14 2.89 6.56 27.99
CA GLU A 14 2.07 5.45 27.51
C GLU A 14 2.68 4.65 26.32
N ARG A 15 3.48 5.31 25.49
CA ARG A 15 4.05 4.71 24.28
C ARG A 15 4.86 3.44 24.54
N GLU A 16 4.55 2.38 23.79
CA GLU A 16 5.30 1.12 23.87
C GLU A 16 6.63 1.27 23.15
N ARG A 17 7.72 0.83 23.78
CA ARG A 17 9.06 0.94 23.21
C ARG A 17 9.55 -0.41 22.75
N VAL A 18 10.41 -0.41 21.73
CA VAL A 18 10.96 -1.66 21.16
C VAL A 18 11.80 -2.41 22.18
N GLU A 19 12.72 -1.71 22.86
CA GLU A 19 13.65 -2.33 23.82
C GLU A 19 12.93 -2.91 25.05
N ASP A 20 11.84 -2.24 25.45
CA ASP A 20 11.07 -2.62 26.66
C ASP A 20 10.31 -3.93 26.52
N LEU A 21 9.72 -4.16 25.34
CA LEU A 21 8.85 -5.32 25.11
C LEU A 21 9.49 -6.49 24.38
N PHE A 22 10.65 -6.28 23.73
CA PHE A 22 11.30 -7.32 22.90
C PHE A 22 12.80 -7.50 23.17
N GLU A 23 13.21 -8.77 23.19
CA GLU A 23 14.59 -9.19 23.40
C GLU A 23 15.15 -9.63 22.04
N TYR A 24 16.08 -8.82 21.48
CA TYR A 24 16.60 -9.04 20.12
C TYR A 24 18.11 -8.83 19.91
N GLU A 25 18.82 -8.26 20.88
CA GLU A 25 20.25 -7.91 20.71
C GLU A 25 21.09 -9.19 20.54
N GLY A 26 21.93 -9.21 19.51
CA GLY A 26 22.70 -10.41 19.13
C GLY A 26 22.02 -11.35 18.14
N CYS A 27 20.72 -11.20 17.92
CA CYS A 27 19.90 -12.13 17.12
C CYS A 27 19.61 -11.64 15.68
N LYS A 28 20.58 -10.99 15.06
CA LYS A 28 20.44 -10.46 13.69
C LYS A 28 20.41 -11.58 12.64
N VAL A 29 19.24 -11.79 12.00
CA VAL A 29 19.06 -12.88 11.00
C VAL A 29 19.26 -12.49 9.53
N GLY A 30 19.05 -11.23 9.19
CA GLY A 30 19.31 -10.74 7.83
C GLY A 30 19.66 -9.26 7.80
N ARG A 31 20.51 -8.87 6.84
CA ARG A 31 20.94 -7.47 6.67
C ARG A 31 20.60 -6.98 5.27
N GLY A 32 19.30 -6.74 5.04
CA GLY A 32 18.79 -6.36 3.72
C GLY A 32 19.11 -4.94 3.30
N THR A 33 18.76 -4.62 2.06
CA THR A 33 18.96 -3.27 1.50
C THR A 33 17.98 -2.24 2.09
N TYR A 34 16.78 -2.70 2.45
CA TYR A 34 15.78 -1.86 3.12
C TYR A 34 16.02 -1.76 4.64
N GLY A 35 16.87 -2.64 5.19
CA GLY A 35 17.18 -2.63 6.62
C GLY A 35 17.58 -3.98 7.16
N HIS A 36 17.82 -4.03 8.47
CA HIS A 36 18.29 -5.24 9.15
C HIS A 36 17.15 -5.93 9.90
N VAL A 37 17.13 -7.28 9.87
CA VAL A 37 16.05 -8.10 10.43
C VAL A 37 16.53 -8.95 11.61
N TYR A 38 15.76 -8.93 12.71
CA TYR A 38 16.11 -9.61 13.96
C TYR A 38 15.06 -10.63 14.40
N LYS A 39 15.52 -11.73 15.00
CA LYS A 39 14.66 -12.75 15.63
C LYS A 39 14.38 -12.32 17.08
N ALA A 40 13.14 -11.95 17.38
CA ALA A 40 12.79 -11.22 18.61
C ALA A 40 11.87 -12.01 19.57
N LYS A 41 12.37 -12.27 20.78
CA LYS A 41 11.58 -12.89 21.85
C LYS A 41 10.84 -11.82 22.66
N ARG A 42 9.60 -12.10 23.02
CA ARG A 42 8.78 -11.16 23.79
C ARG A 42 9.06 -11.34 25.29
N LYS A 43 9.75 -10.36 25.91
CA LYS A 43 10.11 -10.41 27.34
C LYS A 43 8.89 -10.43 28.27
N ASP A 44 7.90 -9.59 27.95
CA ASP A 44 6.68 -9.47 28.75
C ASP A 44 5.80 -10.72 28.65
N GLY A 45 6.14 -11.72 29.46
CA GLY A 45 5.30 -12.88 29.76
C GLY A 45 4.73 -13.72 28.61
N LYS A 46 3.49 -13.39 28.23
CA LYS A 46 2.63 -14.32 27.45
C LYS A 46 2.97 -14.43 25.95
N ASP A 47 4.09 -15.13 25.68
CA ASP A 47 4.51 -15.52 24.32
C ASP A 47 5.83 -16.30 24.38
N ASP A 48 5.79 -17.58 24.01
CA ASP A 48 7.00 -18.34 23.60
C ASP A 48 7.23 -18.23 22.09
N LYS A 49 6.26 -17.62 21.38
CA LYS A 49 6.35 -17.38 19.93
C LYS A 49 7.43 -16.37 19.62
N ASP A 50 8.18 -16.62 18.55
CA ASP A 50 9.20 -15.69 18.07
C ASP A 50 8.63 -14.75 17.03
N TYR A 51 9.29 -13.61 16.86
CA TYR A 51 8.87 -12.57 15.92
C TYR A 51 10.06 -12.09 15.10
N ALA A 52 9.80 -11.71 13.86
CA ALA A 52 10.81 -11.05 13.04
C ALA A 52 10.64 -9.55 13.25
N LEU A 53 11.70 -8.90 13.68
CA LEU A 53 11.71 -7.46 13.95
C LEU A 53 12.58 -6.80 12.88
N LYS A 54 12.06 -5.78 12.22
CA LYS A 54 12.77 -5.08 11.12
C LYS A 54 13.01 -3.62 11.49
N GLN A 55 14.27 -3.19 11.49
CA GLN A 55 14.63 -1.78 11.64
C GLN A 55 14.79 -1.24 10.24
N ILE A 56 13.93 -0.31 9.85
CA ILE A 56 13.95 0.28 8.52
C ILE A 56 15.20 1.14 8.44
N GLU A 57 15.98 0.95 7.37
CA GLU A 57 17.19 1.73 7.14
C GLU A 57 16.85 3.20 6.91
N GLY A 58 17.77 4.07 7.32
CA GLY A 58 17.51 5.51 7.31
C GLY A 58 16.80 5.92 8.58
N THR A 59 16.55 7.22 8.69
CA THR A 59 15.73 7.78 9.76
C THR A 59 14.53 8.47 9.13
N GLY A 60 13.48 8.67 9.93
CA GLY A 60 12.26 9.33 9.47
C GLY A 60 11.44 8.42 8.58
N ILE A 61 10.50 9.03 7.85
CA ILE A 61 9.54 8.30 7.03
C ILE A 61 9.89 8.52 5.56
N SER A 62 10.81 7.70 5.08
CA SER A 62 11.23 7.70 3.69
C SER A 62 10.16 7.04 2.85
N MET A 63 10.26 7.24 1.55
CA MET A 63 9.33 6.63 0.60
C MET A 63 9.20 5.15 0.90
N SER A 64 10.35 4.47 0.94
CA SER A 64 10.45 3.06 1.34
C SER A 64 9.63 2.74 2.58
N ALA A 65 9.83 3.53 3.63
CA ALA A 65 9.16 3.32 4.92
C ALA A 65 7.65 3.53 4.82
N CYS A 66 7.26 4.62 4.16
CA CYS A 66 5.87 5.00 4.01
C CYS A 66 5.14 3.99 3.12
N ARG A 67 5.76 3.59 2.01
CA ARG A 67 5.20 2.56 1.12
C ARG A 67 4.92 1.22 1.84
N GLU A 68 5.90 0.73 2.59
CA GLU A 68 5.79 -0.56 3.26
C GLU A 68 4.74 -0.52 4.35
N ILE A 69 4.80 0.50 5.21
CA ILE A 69 3.83 0.68 6.27
C ILE A 69 2.42 0.70 5.67
N ALA A 70 2.19 1.62 4.74
CA ALA A 70 0.88 1.85 4.15
C ALA A 70 0.24 0.60 3.56
N LEU A 71 1.03 -0.13 2.77
CA LEU A 71 0.54 -1.30 2.06
C LEU A 71 0.24 -2.42 3.05
N LEU A 72 1.27 -2.86 3.78
CA LEU A 72 1.16 -4.02 4.69
C LEU A 72 0.22 -3.84 5.88
N ARG A 73 -0.12 -2.58 6.20
CA ARG A 73 -1.13 -2.29 7.20
C ARG A 73 -2.55 -2.62 6.72
N GLU A 74 -2.74 -2.67 5.39
CA GLU A 74 -4.02 -3.03 4.75
C GLU A 74 -4.13 -4.49 4.32
N LEU A 75 -3.01 -5.14 4.06
CA LEU A 75 -3.01 -6.45 3.43
C LEU A 75 -3.23 -7.56 4.45
N LYS A 76 -4.09 -8.52 4.08
CA LYS A 76 -4.54 -9.60 4.97
C LYS A 76 -4.88 -10.86 4.16
N HIS A 77 -3.93 -11.80 4.16
CA HIS A 77 -4.07 -13.11 3.52
C HIS A 77 -3.14 -14.10 4.23
N PRO A 78 -3.55 -15.37 4.38
CA PRO A 78 -2.66 -16.39 5.00
C PRO A 78 -1.28 -16.54 4.37
N ASN A 79 -1.18 -16.32 3.06
CA ASN A 79 0.03 -16.55 2.28
C ASN A 79 0.89 -15.30 1.97
N VAL A 80 0.46 -14.13 2.43
CA VAL A 80 1.23 -12.91 2.35
C VAL A 80 1.69 -12.65 3.77
N ILE A 81 2.93 -12.19 3.93
CA ILE A 81 3.50 -11.97 5.26
C ILE A 81 2.75 -10.81 5.93
N SER A 82 2.57 -10.91 7.24
CA SER A 82 1.67 -10.02 7.98
C SER A 82 2.41 -9.12 8.96
N LEU A 83 2.06 -7.83 8.93
CA LEU A 83 2.64 -6.82 9.81
C LEU A 83 1.83 -6.83 11.11
N GLN A 84 2.50 -7.12 12.22
CA GLN A 84 1.84 -7.23 13.53
C GLN A 84 1.81 -5.89 14.26
N LYS A 85 2.91 -5.13 14.23
CA LYS A 85 3.02 -3.87 14.93
C LYS A 85 4.12 -2.96 14.39
N VAL A 86 3.88 -1.65 14.49
CA VAL A 86 4.83 -0.60 14.11
C VAL A 86 5.26 0.12 15.39
N PHE A 87 6.56 0.26 15.58
CA PHE A 87 7.12 1.11 16.65
C PHE A 87 7.81 2.28 15.99
N LEU A 88 7.45 3.48 16.44
CA LEU A 88 8.11 4.72 16.04
C LEU A 88 8.91 5.20 17.24
N SER A 89 10.24 5.18 17.12
CA SER A 89 11.13 5.51 18.22
C SER A 89 11.59 6.97 18.09
N HIS A 90 11.06 7.84 18.94
CA HIS A 90 11.32 9.28 18.85
C HIS A 90 12.77 9.67 19.15
N ALA A 91 13.40 8.98 20.11
CA ALA A 91 14.79 9.27 20.53
C ALA A 91 15.74 9.43 19.34
N ASP A 92 15.72 8.46 18.44
CA ASP A 92 16.62 8.42 17.25
C ASP A 92 15.89 8.42 15.89
N ARG A 93 14.56 8.64 15.93
CA ARG A 93 13.71 8.71 14.73
C ARG A 93 13.75 7.47 13.81
N LYS A 94 14.06 6.31 14.38
CA LYS A 94 14.10 5.04 13.64
C LYS A 94 12.72 4.37 13.70
N VAL A 95 12.36 3.69 12.62
CA VAL A 95 11.10 2.96 12.53
C VAL A 95 11.37 1.48 12.62
N TRP A 96 10.60 0.78 13.45
CA TRP A 96 10.68 -0.67 13.59
C TRP A 96 9.36 -1.29 13.18
N LEU A 97 9.42 -2.38 12.41
CA LEU A 97 8.25 -3.17 12.00
C LEU A 97 8.34 -4.58 12.61
N LEU A 98 7.21 -5.07 13.14
CA LEU A 98 7.11 -6.42 13.72
C LEU A 98 6.32 -7.38 12.83
N PHE A 99 7.00 -8.40 12.31
CA PHE A 99 6.39 -9.43 11.49
C PHE A 99 6.39 -10.76 12.23
N ASP A 100 5.60 -11.70 11.73
CA ASP A 100 5.63 -13.09 12.23
C ASP A 100 6.93 -13.73 11.73
N TYR A 101 7.65 -14.40 12.63
CA TYR A 101 8.96 -14.97 12.28
C TYR A 101 8.80 -16.24 11.43
N ALA A 102 9.56 -16.30 10.34
CA ALA A 102 9.54 -17.43 9.42
C ALA A 102 10.90 -18.13 9.51
N GLU A 103 10.89 -19.39 9.94
CA GLU A 103 12.12 -20.13 10.16
C GLU A 103 12.82 -20.50 8.87
N HIS A 104 12.04 -20.67 7.80
CA HIS A 104 12.55 -21.15 6.53
C HIS A 104 12.20 -20.25 5.37
N ASP A 105 12.81 -20.53 4.23
CA ASP A 105 12.49 -19.92 2.94
C ASP A 105 12.89 -20.88 1.83
N LEU A 106 12.35 -20.64 0.64
CA LEU A 106 12.53 -21.55 -0.50
C LEU A 106 13.99 -21.59 -1.03
N TRP A 107 14.79 -20.56 -0.71
CA TRP A 107 16.22 -20.50 -1.08
C TRP A 107 17.00 -21.54 -0.28
N HIS A 108 16.83 -21.54 1.05
CA HIS A 108 17.46 -22.55 1.94
C HIS A 108 16.89 -23.98 1.77
N ILE A 109 15.61 -24.11 1.45
CA ILE A 109 14.99 -25.41 1.16
C ILE A 109 15.59 -26.01 -0.12
N ILE A 110 15.58 -25.24 -1.20
CA ILE A 110 16.21 -25.64 -2.48
C ILE A 110 17.73 -25.87 -2.36
N LYS A 111 18.40 -25.06 -1.52
CA LYS A 111 19.81 -25.26 -1.21
C LYS A 111 20.07 -26.64 -0.60
N PHE A 112 19.25 -27.02 0.37
CA PHE A 112 19.43 -28.26 1.15
C PHE A 112 19.35 -29.55 0.32
N HIS A 113 18.45 -29.57 -0.68
CA HIS A 113 18.25 -30.75 -1.54
C HIS A 113 19.35 -30.98 -2.59
N ARG A 114 20.30 -30.05 -2.71
CA ARG A 114 21.50 -30.24 -3.55
C ARG A 114 22.52 -31.14 -2.86
N GLN A 124 16.35 -34.83 -3.74
CA GLN A 124 15.29 -34.17 -4.51
C GLN A 124 14.01 -34.01 -3.68
N LEU A 125 13.26 -32.94 -3.97
CA LEU A 125 12.09 -32.58 -3.17
C LEU A 125 10.92 -33.54 -3.47
N PRO A 126 10.12 -33.90 -2.44
CA PRO A 126 8.88 -34.63 -2.75
C PRO A 126 7.90 -33.77 -3.55
N ARG A 127 7.03 -34.41 -4.32
CA ARG A 127 6.13 -33.71 -5.24
C ARG A 127 4.88 -33.15 -4.60
N GLY A 128 4.39 -33.79 -3.53
CA GLY A 128 3.33 -33.22 -2.70
C GLY A 128 3.76 -31.86 -2.15
N MET A 129 5.01 -31.76 -1.71
CA MET A 129 5.59 -30.51 -1.23
C MET A 129 5.69 -29.45 -2.33
N VAL A 130 6.17 -29.83 -3.51
CA VAL A 130 6.29 -28.90 -4.64
C VAL A 130 4.93 -28.28 -5.00
N LYS A 131 3.96 -29.15 -5.23
CA LYS A 131 2.60 -28.76 -5.57
C LYS A 131 1.97 -27.90 -4.49
N SER A 132 2.21 -28.26 -3.23
CA SER A 132 1.74 -27.47 -2.10
C SER A 132 2.34 -26.06 -2.14
N LEU A 133 3.67 -25.97 -2.20
CA LEU A 133 4.40 -24.70 -2.29
C LEU A 133 3.91 -23.82 -3.45
N LEU A 134 3.77 -24.40 -4.64
CA LEU A 134 3.27 -23.68 -5.80
C LEU A 134 1.85 -23.11 -5.63
N TYR A 135 0.95 -23.87 -5.01
CA TYR A 135 -0.44 -23.45 -4.86
C TYR A 135 -0.58 -22.27 -3.92
N GLN A 136 0.21 -22.25 -2.86
CA GLN A 136 0.19 -21.16 -1.88
C GLN A 136 0.87 -19.89 -2.40
N ILE A 137 1.82 -20.04 -3.34
CA ILE A 137 2.43 -18.89 -4.00
C ILE A 137 1.39 -18.26 -4.93
N LEU A 138 0.77 -19.10 -5.75
CA LEU A 138 -0.31 -18.69 -6.62
C LEU A 138 -1.46 -18.05 -5.83
N ASP A 139 -1.81 -18.64 -4.69
CA ASP A 139 -2.88 -18.11 -3.84
C ASP A 139 -2.53 -16.70 -3.35
N GLY A 140 -1.34 -16.58 -2.76
CA GLY A 140 -0.85 -15.30 -2.24
C GLY A 140 -0.68 -14.22 -3.30
N ILE A 141 -0.11 -14.60 -4.45
CA ILE A 141 0.11 -13.64 -5.53
C ILE A 141 -1.21 -13.18 -6.13
N HIS A 142 -2.17 -14.10 -6.23
CA HIS A 142 -3.52 -13.78 -6.72
C HIS A 142 -4.17 -12.69 -5.89
N TYR A 143 -4.11 -12.83 -4.55
CA TYR A 143 -4.61 -11.82 -3.61
C TYR A 143 -4.01 -10.44 -3.82
N LEU A 144 -2.69 -10.38 -3.90
CA LEU A 144 -1.97 -9.12 -4.17
C LEU A 144 -2.37 -8.53 -5.51
N HIS A 145 -2.53 -9.41 -6.50
CA HIS A 145 -2.87 -9.00 -7.87
C HIS A 145 -4.31 -8.52 -8.01
N ALA A 146 -5.21 -9.15 -7.29
CA ALA A 146 -6.58 -8.66 -7.17
C ALA A 146 -6.58 -7.23 -6.60
N ASN A 147 -5.65 -6.92 -5.70
CA ASN A 147 -5.49 -5.58 -5.11
C ASN A 147 -4.50 -4.68 -5.88
N TRP A 148 -4.22 -5.04 -7.13
CA TRP A 148 -3.27 -4.31 -7.95
C TRP A 148 -1.92 -4.07 -7.27
N VAL A 149 -1.50 -5.04 -6.46
CA VAL A 149 -0.22 -4.99 -5.76
C VAL A 149 0.67 -5.95 -6.52
N LEU A 150 1.66 -5.40 -7.21
CA LEU A 150 2.66 -6.21 -7.90
C LEU A 150 3.87 -6.42 -6.99
N HIS A 151 4.44 -7.63 -7.02
CA HIS A 151 5.58 -7.97 -6.14
C HIS A 151 6.84 -7.32 -6.67
N ARG A 152 7.10 -7.55 -7.96
CA ARG A 152 8.20 -6.96 -8.73
C ARG A 152 9.56 -7.69 -8.66
N ASP A 153 9.75 -8.61 -7.72
CA ASP A 153 11.03 -9.31 -7.57
C ASP A 153 10.88 -10.68 -6.85
N LEU A 154 9.99 -11.52 -7.38
CA LEU A 154 9.77 -12.86 -6.83
C LEU A 154 10.92 -13.81 -7.14
N LYS A 155 11.36 -14.52 -6.10
CA LYS A 155 12.46 -15.48 -6.17
C LYS A 155 12.48 -16.33 -4.88
N PRO A 156 13.21 -17.47 -4.88
CA PRO A 156 13.19 -18.39 -3.72
C PRO A 156 13.40 -17.77 -2.33
N ALA A 157 14.23 -16.73 -2.23
CA ALA A 157 14.49 -16.06 -0.95
C ALA A 157 13.36 -15.11 -0.49
N ASN A 158 12.46 -14.74 -1.41
CA ASN A 158 11.26 -13.97 -1.02
C ASN A 158 10.03 -14.85 -0.73
N ILE A 159 10.14 -16.15 -0.97
CA ILE A 159 9.09 -17.09 -0.60
C ILE A 159 9.47 -17.73 0.74
N LEU A 160 9.00 -17.12 1.83
CA LEU A 160 9.22 -17.63 3.19
C LEU A 160 8.27 -18.80 3.51
N VAL A 161 8.74 -19.71 4.36
CA VAL A 161 7.92 -20.83 4.85
C VAL A 161 7.96 -20.86 6.38
N MET A 162 6.79 -20.95 7.01
CA MET A 162 6.69 -20.94 8.48
C MET A 162 7.10 -22.30 9.06
N GLY A 163 8.02 -22.28 10.03
CA GLY A 163 8.48 -23.49 10.72
C GLY A 163 7.47 -23.99 11.75
N GLU A 164 7.97 -24.71 12.76
CA GLU A 164 7.12 -25.29 13.83
C GLU A 164 6.20 -24.29 14.54
N GLY A 165 5.00 -24.72 14.90
CA GLY A 165 3.99 -23.86 15.55
C GLY A 165 2.63 -23.91 14.87
N PRO A 166 1.76 -22.91 15.15
CA PRO A 166 0.38 -22.94 14.63
C PRO A 166 0.25 -22.85 13.09
N GLU A 167 1.25 -22.27 12.42
CA GLU A 167 1.25 -22.11 10.97
C GLU A 167 2.28 -23.03 10.29
N ARG A 168 2.36 -24.26 10.78
CA ARG A 168 3.36 -25.23 10.33
C ARG A 168 3.29 -25.45 8.82
N GLY A 169 4.37 -25.13 8.12
CA GLY A 169 4.48 -25.33 6.68
C GLY A 169 3.79 -24.31 5.78
N ARG A 170 3.20 -23.26 6.35
CA ARG A 170 2.50 -22.28 5.53
C ARG A 170 3.49 -21.34 4.82
N VAL A 171 3.34 -21.22 3.51
CA VAL A 171 4.11 -20.26 2.72
C VAL A 171 3.67 -18.84 3.10
N LYS A 172 4.63 -17.93 3.24
CA LYS A 172 4.38 -16.51 3.41
C LYS A 172 5.22 -15.79 2.36
N ILE A 173 4.58 -14.97 1.52
CA ILE A 173 5.30 -14.20 0.51
C ILE A 173 5.76 -12.90 1.15
N ALA A 174 7.02 -12.56 0.94
CA ALA A 174 7.65 -11.39 1.53
C ALA A 174 8.40 -10.58 0.48
N ASP A 175 9.13 -9.56 0.92
CA ASP A 175 10.11 -8.84 0.09
C ASP A 175 11.25 -8.36 0.98
N MET A 176 12.32 -9.15 1.04
CA MET A 176 13.48 -8.83 1.89
C MET A 176 14.30 -7.67 1.33
N GLY A 177 14.43 -7.62 0.00
CA GLY A 177 15.36 -6.70 -0.66
C GLY A 177 16.58 -7.48 -1.14
N PHE A 178 17.77 -6.92 -0.89
CA PHE A 178 19.05 -7.53 -1.27
C PHE A 178 19.93 -7.75 -0.05
N VAL A 197 21.35 -8.81 -8.53
CA VAL A 197 22.30 -9.38 -9.50
C VAL A 197 21.76 -10.62 -10.24
N THR A 198 20.91 -11.39 -9.56
CA THR A 198 20.13 -12.46 -10.17
C THR A 198 19.04 -11.88 -11.08
N PHE A 199 19.33 -11.87 -12.39
CA PHE A 199 18.30 -11.69 -13.43
C PHE A 199 17.65 -13.03 -13.84
N TRP A 200 17.93 -14.10 -13.10
CA TRP A 200 17.44 -15.46 -13.41
C TRP A 200 15.90 -15.59 -13.42
N TYR A 201 15.21 -14.73 -12.67
CA TYR A 201 13.76 -14.78 -12.54
C TYR A 201 13.07 -13.66 -13.31
N ARG A 202 13.84 -12.91 -14.09
CA ARG A 202 13.34 -11.74 -14.81
C ARG A 202 12.83 -12.12 -16.18
N ALA A 203 11.55 -11.83 -16.43
CA ALA A 203 10.87 -12.07 -17.72
C ALA A 203 11.63 -11.44 -18.89
N PRO A 204 11.51 -12.05 -20.08
CA PRO A 204 12.26 -11.55 -21.23
C PRO A 204 11.87 -10.13 -21.70
N GLU A 205 10.62 -9.71 -21.51
CA GLU A 205 10.24 -8.33 -21.85
C GLU A 205 11.05 -7.28 -21.07
N LEU A 206 11.37 -7.55 -19.81
CA LEU A 206 12.24 -6.63 -19.02
C LEU A 206 13.71 -6.67 -19.50
N LEU A 207 14.10 -7.77 -20.10
CA LEU A 207 15.43 -7.89 -20.71
C LEU A 207 15.47 -7.17 -22.06
N LEU A 208 14.34 -7.14 -22.76
CA LEU A 208 14.21 -6.37 -24.01
C LEU A 208 13.82 -4.92 -23.77
N GLY A 209 13.66 -4.53 -22.50
CA GLY A 209 13.57 -3.14 -22.10
C GLY A 209 12.18 -2.56 -21.90
N ALA A 210 11.19 -3.43 -21.68
CA ALA A 210 9.83 -2.95 -21.35
C ALA A 210 9.88 -2.06 -20.11
N ARG A 211 9.11 -0.98 -20.14
CA ARG A 211 9.20 0.07 -19.14
C ARG A 211 8.58 -0.34 -17.81
N HIS A 212 7.35 -0.85 -17.87
CA HIS A 212 6.53 -1.14 -16.69
C HIS A 212 6.58 -2.58 -16.22
N TYR A 213 6.45 -2.74 -14.90
CA TYR A 213 6.13 -4.04 -14.29
C TYR A 213 4.66 -4.39 -14.47
N THR A 214 4.38 -5.66 -14.72
CA THR A 214 3.01 -6.18 -14.93
C THR A 214 2.74 -7.39 -14.03
N LYS A 215 1.48 -7.84 -14.03
CA LYS A 215 1.11 -9.11 -13.40
C LYS A 215 1.79 -10.27 -14.11
N ALA A 216 1.93 -10.18 -15.43
CA ALA A 216 2.58 -11.24 -16.21
C ALA A 216 4.04 -11.41 -15.84
N ILE A 217 4.71 -10.34 -15.43
CA ILE A 217 6.10 -10.39 -14.99
C ILE A 217 6.26 -11.21 -13.70
N ASP A 218 5.35 -11.04 -12.76
CA ASP A 218 5.29 -11.89 -11.57
C ASP A 218 5.13 -13.39 -11.92
N ILE A 219 4.18 -13.70 -12.80
CA ILE A 219 3.88 -15.10 -13.18
C ILE A 219 5.04 -15.83 -13.87
N TRP A 220 5.81 -15.11 -14.70
CA TRP A 220 7.04 -15.66 -15.28
C TRP A 220 7.99 -16.14 -14.18
N ALA A 221 8.21 -15.27 -13.19
CA ALA A 221 9.09 -15.56 -12.07
C ALA A 221 8.61 -16.74 -11.25
N ILE A 222 7.29 -16.94 -11.19
CA ILE A 222 6.72 -18.09 -10.48
C ILE A 222 6.98 -19.37 -11.27
N GLY A 223 6.91 -19.27 -12.59
CA GLY A 223 7.26 -20.40 -13.46
C GLY A 223 8.70 -20.85 -13.27
N CYS A 224 9.61 -19.87 -13.20
CA CYS A 224 11.02 -20.09 -12.86
C CYS A 224 11.17 -20.78 -11.52
N ILE A 225 10.40 -20.35 -10.51
CA ILE A 225 10.44 -20.96 -9.16
C ILE A 225 9.93 -22.40 -9.17
N PHE A 226 8.86 -22.64 -9.92
CA PHE A 226 8.29 -23.98 -10.10
C PHE A 226 9.24 -24.98 -10.78
N ALA A 227 9.89 -24.56 -11.86
CA ALA A 227 10.87 -25.41 -12.54
C ALA A 227 12.01 -25.78 -11.58
N GLU A 228 12.50 -24.78 -10.86
CA GLU A 228 13.51 -24.95 -9.82
C GLU A 228 13.04 -25.91 -8.71
N LEU A 229 11.78 -25.83 -8.29
CA LEU A 229 11.23 -26.82 -7.35
C LEU A 229 11.17 -28.23 -7.95
N LEU A 230 10.84 -28.35 -9.24
CA LEU A 230 10.82 -29.67 -9.89
C LEU A 230 12.21 -30.32 -9.99
N THR A 231 13.25 -29.52 -10.27
CA THR A 231 14.60 -30.02 -10.63
C THR A 231 15.78 -29.55 -9.77
N SER A 232 15.54 -28.62 -8.82
CA SER A 232 16.60 -28.06 -7.94
C SER A 232 17.68 -27.16 -8.59
N GLU A 233 17.61 -26.95 -9.90
CA GLU A 233 18.56 -26.13 -10.64
C GLU A 233 17.79 -24.90 -11.12
N PRO A 234 18.37 -23.68 -10.98
CA PRO A 234 17.66 -22.51 -11.56
C PRO A 234 17.54 -22.62 -13.08
N ILE A 235 16.32 -22.70 -13.59
CA ILE A 235 16.07 -22.99 -15.01
C ILE A 235 16.88 -22.10 -15.93
N PHE A 236 16.94 -20.81 -15.61
CA PHE A 236 17.69 -19.85 -16.40
C PHE A 236 18.93 -19.32 -15.66
N HIS A 237 19.65 -20.21 -14.98
CA HIS A 237 20.95 -19.89 -14.37
C HIS A 237 21.95 -19.29 -15.38
N CYS A 238 22.63 -18.22 -14.97
CA CYS A 238 23.57 -17.49 -15.81
C CYS A 238 24.68 -16.81 -15.01
N ARG A 239 25.90 -16.86 -15.53
CA ARG A 239 27.08 -16.22 -14.91
C ARG A 239 26.94 -14.70 -14.81
N GLN A 240 27.65 -14.13 -13.83
CA GLN A 240 27.65 -12.68 -13.58
C GLN A 240 28.48 -11.93 -14.62
N ASN A 247 22.31 -0.54 -18.30
CA ASN A 247 21.21 -0.84 -19.23
C ASN A 247 20.34 -2.02 -18.76
N PRO A 248 19.03 -2.01 -19.11
CA PRO A 248 18.16 -3.16 -18.79
C PRO A 248 18.47 -4.40 -19.64
N TYR A 249 19.02 -4.18 -20.84
CA TYR A 249 19.41 -5.25 -21.75
C TYR A 249 20.55 -6.07 -21.20
N HIS A 250 20.41 -7.40 -21.30
CA HIS A 250 21.41 -8.33 -20.79
C HIS A 250 21.53 -9.51 -21.74
N HIS A 251 22.62 -9.53 -22.51
CA HIS A 251 22.81 -10.48 -23.60
C HIS A 251 22.83 -11.92 -23.14
N ASP A 252 23.55 -12.19 -22.05
CA ASP A 252 23.79 -13.57 -21.61
C ASP A 252 22.60 -14.15 -20.88
N GLN A 253 21.87 -13.31 -20.15
CA GLN A 253 20.62 -13.74 -19.54
C GLN A 253 19.65 -14.17 -20.63
N LEU A 254 19.58 -13.36 -21.68
CA LEU A 254 18.78 -13.71 -22.87
C LEU A 254 19.23 -15.02 -23.53
N ASP A 255 20.54 -15.19 -23.75
CA ASP A 255 21.07 -16.41 -24.38
C ASP A 255 20.62 -17.66 -23.64
N ARG A 256 20.70 -17.64 -22.31
CA ARG A 256 20.31 -18.82 -21.49
C ARG A 256 18.83 -19.14 -21.63
N ILE A 257 17.98 -18.11 -21.55
CA ILE A 257 16.56 -18.26 -21.81
C ILE A 257 16.35 -18.94 -23.16
N PHE A 258 16.97 -18.40 -24.19
CA PHE A 258 16.90 -19.02 -25.53
C PHE A 258 17.51 -20.42 -25.57
N ASN A 259 18.59 -20.69 -24.83
CA ASN A 259 19.14 -22.07 -24.76
C ASN A 259 18.15 -23.07 -24.20
N VAL A 260 17.44 -22.67 -23.15
CA VAL A 260 16.42 -23.53 -22.56
C VAL A 260 15.17 -23.51 -23.45
N MET A 261 14.57 -22.35 -23.60
CA MET A 261 13.26 -22.22 -24.27
C MET A 261 13.26 -22.20 -25.80
N GLY A 262 14.41 -21.97 -26.43
CA GLY A 262 14.47 -21.78 -27.88
C GLY A 262 14.01 -20.38 -28.26
N PHE A 263 14.37 -19.95 -29.46
CA PHE A 263 14.14 -18.57 -29.89
C PHE A 263 12.68 -18.42 -30.29
N PRO A 264 12.01 -17.33 -29.83
CA PRO A 264 10.60 -17.16 -30.19
C PRO A 264 10.45 -17.00 -31.69
N ALA A 265 9.44 -17.65 -32.26
CA ALA A 265 8.99 -17.38 -33.62
C ALA A 265 8.08 -16.16 -33.58
N ASP A 266 8.09 -15.36 -34.65
CA ASP A 266 7.16 -14.21 -34.81
C ASP A 266 5.76 -14.50 -34.24
N LYS A 267 5.19 -15.63 -34.63
CA LYS A 267 3.81 -16.01 -34.26
C LYS A 267 3.66 -16.31 -32.76
N ASP A 268 4.74 -16.81 -32.13
CA ASP A 268 4.78 -17.02 -30.67
C ASP A 268 4.77 -15.70 -29.88
N TRP A 269 5.26 -14.61 -30.47
CA TRP A 269 5.30 -13.31 -29.80
C TRP A 269 5.35 -12.15 -30.81
N GLU A 270 4.19 -11.87 -31.39
CA GLU A 270 4.03 -10.84 -32.45
C GLU A 270 4.46 -9.41 -32.07
N ASP A 271 4.28 -9.01 -30.83
CA ASP A 271 4.72 -7.68 -30.35
C ASP A 271 6.15 -7.66 -29.75
N ILE A 272 6.95 -8.70 -30.00
CA ILE A 272 8.39 -8.64 -29.67
C ILE A 272 9.04 -7.49 -30.45
N LYS A 273 8.52 -7.20 -31.64
CA LYS A 273 8.96 -6.07 -32.49
C LYS A 273 8.77 -4.70 -31.85
N LYS A 274 7.75 -4.53 -31.01
CA LYS A 274 7.51 -3.27 -30.31
C LYS A 274 8.50 -2.96 -29.17
N MET A 275 9.30 -3.95 -28.74
CA MET A 275 10.20 -3.77 -27.61
C MET A 275 11.38 -2.82 -27.94
N PRO A 276 11.77 -1.95 -27.00
CA PRO A 276 12.88 -1.01 -27.23
C PRO A 276 14.20 -1.64 -27.70
N GLU A 277 14.57 -2.81 -27.17
CA GLU A 277 15.84 -3.48 -27.55
C GLU A 277 15.66 -4.55 -28.62
N HIS A 278 14.59 -4.48 -29.41
CA HIS A 278 14.37 -5.48 -30.45
C HIS A 278 15.41 -5.42 -31.57
N SER A 279 15.81 -4.22 -31.98
CA SER A 279 16.90 -4.04 -32.97
C SER A 279 18.21 -4.69 -32.49
N THR A 280 18.56 -4.40 -31.23
CA THR A 280 19.71 -4.98 -30.57
C THR A 280 19.65 -6.50 -30.47
N LEU A 281 18.44 -7.01 -30.21
CA LEU A 281 18.19 -8.44 -30.16
C LEU A 281 18.46 -9.06 -31.52
N MET A 282 17.91 -8.47 -32.57
CA MET A 282 18.11 -8.94 -33.95
C MET A 282 19.56 -8.82 -34.43
N LYS A 283 20.32 -7.87 -33.87
CA LYS A 283 21.73 -7.73 -34.21
C LYS A 283 22.54 -8.88 -33.59
N ASP A 284 22.42 -9.02 -32.28
CA ASP A 284 23.28 -9.94 -31.52
C ASP A 284 22.92 -11.43 -31.68
N PHE A 285 21.69 -11.73 -32.10
CA PHE A 285 21.18 -13.11 -32.08
C PHE A 285 20.71 -13.64 -33.43
N ARG A 286 20.80 -14.96 -33.60
CA ARG A 286 20.31 -15.67 -34.77
C ARG A 286 19.47 -16.85 -34.30
N ARG A 287 18.22 -16.92 -34.75
CA ARG A 287 17.29 -17.96 -34.28
C ARG A 287 17.77 -19.39 -34.52
N ASN A 288 18.44 -19.62 -35.66
CA ASN A 288 18.93 -20.95 -36.03
C ASN A 288 19.99 -21.55 -35.08
N THR A 289 20.65 -20.68 -34.31
CA THR A 289 21.49 -21.09 -33.18
C THR A 289 20.76 -22.00 -32.18
N TYR A 290 19.46 -21.76 -31.99
CA TYR A 290 18.64 -22.46 -30.99
C TYR A 290 17.60 -23.45 -31.58
N THR A 291 17.87 -24.03 -32.74
CA THR A 291 16.92 -24.95 -33.40
C THR A 291 16.66 -26.23 -32.59
N ASN A 292 17.71 -26.75 -31.96
CA ASN A 292 17.60 -27.95 -31.11
C ASN A 292 16.89 -27.70 -29.77
N CYS A 293 16.80 -26.42 -29.37
CA CYS A 293 16.42 -26.04 -28.02
C CYS A 293 14.91 -25.88 -27.85
N SER A 294 14.37 -26.46 -26.76
CA SER A 294 12.97 -26.24 -26.35
C SER A 294 12.75 -26.60 -24.89
N LEU A 295 11.63 -26.16 -24.33
CA LEU A 295 11.31 -26.41 -22.93
C LEU A 295 11.15 -27.90 -22.67
N ILE A 296 10.50 -28.60 -23.58
CA ILE A 296 10.33 -30.06 -23.47
C ILE A 296 11.68 -30.74 -23.28
N LYS A 297 12.63 -30.42 -24.14
CA LYS A 297 13.95 -31.08 -24.14
C LYS A 297 14.79 -30.75 -22.92
N TYR A 298 14.70 -29.52 -22.41
CA TYR A 298 15.37 -29.18 -21.15
C TYR A 298 14.80 -29.99 -20.00
N MET A 299 13.47 -30.04 -19.90
CA MET A 299 12.82 -30.64 -18.73
C MET A 299 12.87 -32.17 -18.76
N GLU A 300 12.86 -32.77 -19.96
CA GLU A 300 13.12 -34.22 -20.13
C GLU A 300 14.49 -34.62 -19.57
N LYS A 301 15.51 -33.84 -19.93
CA LYS A 301 16.88 -34.03 -19.44
C LYS A 301 17.02 -34.03 -17.91
N HIS A 302 16.09 -33.39 -17.20
CA HIS A 302 16.05 -33.40 -15.73
C HIS A 302 14.92 -34.27 -15.17
N LYS A 303 14.63 -35.39 -15.86
CA LYS A 303 13.72 -36.43 -15.34
C LYS A 303 12.31 -35.93 -14.98
N VAL A 304 11.74 -35.11 -15.86
CA VAL A 304 10.35 -34.64 -15.74
C VAL A 304 9.66 -34.96 -17.06
N LYS A 305 8.51 -35.61 -16.99
CA LYS A 305 7.86 -36.13 -18.18
C LYS A 305 7.03 -35.00 -18.85
N PRO A 306 7.16 -34.80 -20.18
CA PRO A 306 6.47 -33.73 -20.88
C PRO A 306 4.96 -33.90 -21.11
N ASP A 307 4.39 -35.06 -20.78
CA ASP A 307 2.95 -35.24 -20.81
C ASP A 307 2.35 -35.25 -19.40
N SER A 308 3.14 -34.87 -18.39
CA SER A 308 2.64 -34.71 -17.02
C SER A 308 1.93 -33.38 -16.90
N LYS A 309 0.93 -33.32 -16.00
CA LYS A 309 0.21 -32.08 -15.70
C LYS A 309 1.14 -31.01 -15.12
N ALA A 310 2.08 -31.45 -14.28
CA ALA A 310 3.21 -30.61 -13.85
C ALA A 310 3.81 -29.85 -15.02
N PHE A 311 4.23 -30.55 -16.06
CA PHE A 311 4.90 -29.90 -17.20
C PHE A 311 3.97 -28.95 -17.96
N HIS A 312 2.73 -29.36 -18.17
CA HIS A 312 1.80 -28.57 -19.00
C HIS A 312 1.43 -27.24 -18.35
N LEU A 313 1.32 -27.21 -17.03
CA LEU A 313 1.13 -25.96 -16.28
C LEU A 313 2.42 -25.12 -16.28
N LEU A 314 3.57 -25.77 -16.20
CA LEU A 314 4.84 -25.06 -16.24
C LEU A 314 5.01 -24.30 -17.57
N GLN A 315 4.50 -24.85 -18.66
CA GLN A 315 4.63 -24.23 -19.97
C GLN A 315 3.73 -23.01 -20.14
N LYS A 316 2.51 -23.08 -19.60
CA LYS A 316 1.63 -21.90 -19.55
C LYS A 316 2.15 -20.80 -18.63
N LEU A 317 2.98 -21.15 -17.65
CA LEU A 317 3.64 -20.18 -16.77
C LEU A 317 4.82 -19.56 -17.51
N LEU A 318 5.76 -20.41 -17.98
CA LEU A 318 6.94 -19.97 -18.76
C LEU A 318 6.65 -19.84 -20.27
N THR A 319 5.76 -18.91 -20.58
CA THR A 319 5.44 -18.54 -21.94
C THR A 319 6.14 -17.23 -22.19
N MET A 320 6.76 -17.09 -23.37
CA MET A 320 7.63 -15.95 -23.64
C MET A 320 6.81 -14.66 -23.72
N ASP A 321 5.75 -14.68 -24.52
CA ASP A 321 4.88 -13.52 -24.69
C ASP A 321 4.02 -13.30 -23.42
N PRO A 322 4.18 -12.14 -22.74
CA PRO A 322 3.36 -11.88 -21.54
C PRO A 322 1.86 -12.04 -21.73
N ILE A 323 1.31 -11.58 -22.86
CA ILE A 323 -0.14 -11.67 -23.09
C ILE A 323 -0.59 -13.09 -23.40
N LYS A 324 0.36 -14.00 -23.68
CA LYS A 324 0.08 -15.44 -23.80
C LYS A 324 0.35 -16.23 -22.52
N ARG A 325 0.63 -15.53 -21.42
CA ARG A 325 1.00 -16.11 -20.13
C ARG A 325 -0.30 -16.13 -19.30
N ILE A 326 -0.66 -17.29 -18.75
CA ILE A 326 -1.91 -17.38 -17.97
C ILE A 326 -1.83 -16.58 -16.67
N THR A 327 -2.99 -16.31 -16.07
CA THR A 327 -3.04 -15.59 -14.81
C THR A 327 -2.88 -16.52 -13.60
N SER A 328 -2.77 -15.91 -12.42
CA SER A 328 -2.65 -16.65 -11.16
C SER A 328 -3.93 -17.44 -10.84
N GLU A 329 -5.08 -16.82 -11.11
CA GLU A 329 -6.39 -17.47 -10.95
C GLU A 329 -6.47 -18.71 -11.80
N GLN A 330 -5.94 -18.63 -13.02
CA GLN A 330 -6.04 -19.73 -13.99
C GLN A 330 -5.15 -20.91 -13.59
N ALA A 331 -3.92 -20.60 -13.17
CA ALA A 331 -3.00 -21.59 -12.63
C ALA A 331 -3.60 -22.36 -11.46
N MET A 332 -4.27 -21.65 -10.55
CA MET A 332 -4.97 -22.26 -9.41
C MET A 332 -6.10 -23.21 -9.81
N GLN A 333 -6.76 -22.91 -10.93
CA GLN A 333 -7.80 -23.78 -11.48
C GLN A 333 -7.24 -24.99 -12.24
N ASP A 334 -5.94 -25.02 -12.50
CA ASP A 334 -5.33 -26.05 -13.35
C ASP A 334 -5.54 -27.44 -12.73
N PRO A 335 -5.82 -28.47 -13.57
CA PRO A 335 -6.14 -29.77 -13.00
C PRO A 335 -4.96 -30.49 -12.38
N TYR A 336 -3.75 -29.94 -12.51
CA TYR A 336 -2.59 -30.36 -11.75
C TYR A 336 -2.84 -30.38 -10.24
N PHE A 337 -3.68 -29.47 -9.76
CA PHE A 337 -4.02 -29.40 -8.33
C PHE A 337 -5.19 -30.26 -7.89
N LEU A 338 -5.78 -30.98 -8.85
CA LEU A 338 -6.81 -32.02 -8.64
C LEU A 338 -6.23 -33.43 -8.72
N GLU A 339 -5.23 -33.62 -9.57
CA GLU A 339 -4.48 -34.87 -9.66
C GLU A 339 -3.87 -35.24 -8.30
N ASP A 340 -3.99 -36.52 -7.93
CA ASP A 340 -3.35 -37.03 -6.70
C ASP A 340 -1.84 -36.82 -6.77
N PRO A 341 -1.22 -36.27 -5.70
CA PRO A 341 -1.77 -35.88 -4.39
C PRO A 341 -2.25 -34.43 -4.39
N LEU A 342 -3.26 -34.13 -3.58
CA LEU A 342 -3.80 -32.77 -3.52
C LEU A 342 -2.84 -31.85 -2.76
N PRO A 343 -2.95 -30.52 -2.98
CA PRO A 343 -2.26 -29.57 -2.15
C PRO A 343 -2.63 -29.76 -0.70
N THR A 344 -1.60 -29.85 0.15
CA THR A 344 -1.79 -29.84 1.59
C THR A 344 -1.67 -28.40 2.09
N SER A 345 -2.47 -28.08 3.11
CA SER A 345 -2.34 -26.81 3.82
C SER A 345 -0.95 -26.67 4.44
N ASP A 346 -0.49 -27.75 5.06
CA ASP A 346 0.85 -27.86 5.61
C ASP A 346 1.73 -28.40 4.49
N VAL A 347 2.65 -27.58 4.02
CA VAL A 347 3.53 -27.95 2.90
C VAL A 347 4.34 -29.23 3.17
N PHE A 348 4.63 -29.50 4.45
CA PHE A 348 5.34 -30.69 4.90
C PHE A 348 4.45 -31.94 5.11
N ALA A 349 3.12 -31.74 5.18
CA ALA A 349 2.12 -32.82 5.24
C ALA A 349 2.25 -33.72 6.49
N GLY A 350 2.53 -33.10 7.63
CA GLY A 350 2.72 -33.81 8.89
C GLY A 350 4.17 -34.17 9.20
N CYS A 351 4.98 -34.42 8.16
CA CYS A 351 6.34 -34.98 8.27
C CYS A 351 7.33 -34.16 9.07
N GLN A 352 8.45 -34.77 9.42
CA GLN A 352 9.53 -34.09 10.16
C GLN A 352 10.24 -33.07 9.25
N ILE A 353 10.46 -31.86 9.80
CA ILE A 353 11.11 -30.75 9.10
C ILE A 353 12.63 -30.91 9.21
N PRO A 354 13.30 -31.43 8.16
CA PRO A 354 14.73 -31.73 8.29
C PRO A 354 15.69 -30.55 7.97
N TYR A 355 15.12 -29.36 7.74
CA TYR A 355 15.89 -28.22 7.24
C TYR A 355 16.58 -27.46 8.39
N PRO A 356 17.85 -27.03 8.20
CA PRO A 356 18.56 -26.21 9.18
C PRO A 356 17.83 -24.90 9.51
N LYS A 357 17.72 -24.58 10.80
CA LYS A 357 17.14 -23.32 11.27
C LYS A 357 18.03 -22.13 10.92
N ARG A 358 17.51 -20.91 11.07
CA ARG A 358 18.25 -19.73 10.66
C ARG A 358 19.43 -19.48 11.58
N GLU A 359 20.60 -19.27 10.98
CA GLU A 359 21.78 -18.85 11.71
C GLU A 359 21.74 -17.34 11.90
N PHE A 360 22.30 -16.88 13.01
CA PHE A 360 22.47 -15.44 13.26
C PHE A 360 23.68 -14.95 12.47
N LEU A 361 23.87 -13.63 12.44
CA LEU A 361 24.90 -12.99 11.59
C LEU A 361 26.01 -12.35 12.44
N ASP B 1 -4.84 -0.71 -16.40
CA ASP B 1 -4.12 -0.33 -15.16
C ASP B 1 -5.09 0.15 -14.06
N ASP B 2 -4.65 0.08 -12.81
CA ASP B 2 -5.48 0.53 -11.67
C ASP B 2 -4.64 0.73 -10.40
N LYS B 3 -5.21 1.43 -9.42
CA LYS B 3 -4.52 1.80 -8.17
C LYS B 3 -4.63 0.75 -7.06
N ALA B 4 -3.63 0.74 -6.18
CA ALA B 4 -3.45 -0.31 -5.17
C ALA B 4 -4.55 -0.29 -4.11
N MET B 5 -5.09 -1.47 -3.81
CA MET B 5 -6.17 -1.66 -2.85
C MET B 5 -7.48 -0.96 -3.28
N ALA B 6 -7.65 -0.76 -4.58
CA ALA B 6 -8.80 -0.01 -5.13
C ALA B 6 -10.16 -0.55 -4.67
N GLY B 7 -10.29 -1.87 -4.68
CA GLY B 7 -11.55 -2.53 -4.31
C GLY B 7 -11.52 -3.26 -2.99
N ASN B 8 -10.68 -2.80 -2.04
CA ASN B 8 -10.56 -3.43 -0.72
C ASN B 8 -11.22 -2.67 0.43
N PHE B 9 -12.02 -1.64 0.11
CA PHE B 9 -12.62 -0.76 1.13
C PHE B 9 -13.30 -1.47 2.29
N TRP B 10 -14.00 -2.55 2.01
CA TRP B 10 -14.79 -3.24 3.04
C TRP B 10 -13.94 -4.05 4.01
N GLN B 11 -12.69 -4.31 3.66
CA GLN B 11 -11.73 -4.96 4.56
C GLN B 11 -10.59 -3.98 4.89
N SER B 12 -10.83 -2.68 4.64
CA SER B 12 -9.78 -1.64 4.73
C SER B 12 -9.71 -1.04 6.12
N SER B 13 -8.57 -0.46 6.46
CA SER B 13 -8.38 0.21 7.75
C SER B 13 -9.21 1.49 7.84
N HIS B 14 -9.37 2.20 6.73
CA HIS B 14 -10.37 3.27 6.63
C HIS B 14 -11.71 2.82 7.22
N TYR B 15 -12.31 1.80 6.63
CA TYR B 15 -13.65 1.32 7.06
C TYR B 15 -13.64 0.77 8.47
N LEU B 16 -12.71 -0.13 8.76
CA LEU B 16 -12.72 -0.86 10.03
C LEU B 16 -12.33 -0.04 11.28
N GLN B 17 -11.61 1.07 11.09
CA GLN B 17 -11.18 1.89 12.24
C GLN B 17 -11.49 3.38 12.17
N TRP B 18 -11.68 3.92 10.98
CA TRP B 18 -11.75 5.37 10.79
C TRP B 18 -13.09 5.86 10.22
N ILE B 19 -14.11 5.02 10.28
CA ILE B 19 -15.50 5.47 10.24
C ILE B 19 -15.91 5.45 11.71
N LEU B 20 -16.04 6.63 12.30
CA LEU B 20 -16.27 6.75 13.73
C LEU B 20 -17.77 6.93 13.96
N ASP B 21 -18.23 6.64 15.18
CA ASP B 21 -19.60 6.95 15.59
C ASP B 21 -19.66 8.45 15.89
N LYS B 22 -20.72 9.10 15.42
CA LYS B 22 -20.90 10.55 15.59
C LYS B 22 -20.94 10.97 17.06
N GLN B 23 -21.61 10.20 17.90
CA GLN B 23 -21.75 10.54 19.32
C GLN B 23 -20.38 10.59 20.02
N ASP B 24 -19.49 9.65 19.66
CA ASP B 24 -18.12 9.63 20.19
C ASP B 24 -17.33 10.88 19.73
N LEU B 25 -17.53 11.28 18.49
CA LEU B 25 -16.86 12.46 17.93
C LEU B 25 -17.24 13.72 18.70
N LEU B 26 -18.54 14.00 18.77
CA LEU B 26 -19.04 15.18 19.51
C LEU B 26 -18.69 15.15 20.99
N LYS B 27 -18.57 13.96 21.58
CA LYS B 27 -18.15 13.82 22.98
C LYS B 27 -16.74 14.35 23.19
N GLU B 28 -15.77 13.83 22.41
CA GLU B 28 -14.37 14.29 22.50
C GLU B 28 -14.17 15.77 22.10
N ARG B 29 -15.09 16.29 21.31
CA ARG B 29 -15.10 17.71 20.92
C ARG B 29 -15.39 18.66 22.08
N GLN B 30 -16.17 18.19 23.06
CA GLN B 30 -16.58 19.01 24.23
C GLN B 30 -15.43 19.64 25.03
N LYS B 31 -14.22 19.04 24.97
CA LYS B 31 -12.97 19.66 25.45
C LYS B 31 -12.76 21.08 24.88
N ASP B 32 -12.77 21.16 23.56
CA ASP B 32 -12.56 22.44 22.86
C ASP B 32 -13.79 23.34 22.85
N LEU B 33 -14.98 22.80 23.11
CA LEU B 33 -16.21 23.61 23.17
C LEU B 33 -16.37 24.46 24.47
N LYS B 34 -15.53 24.17 25.48
CA LYS B 34 -15.43 25.06 26.65
C LYS B 34 -14.70 26.37 26.31
N PHE B 35 -13.89 26.35 25.24
CA PHE B 35 -13.20 27.54 24.71
C PHE B 35 -13.78 28.10 23.38
N LEU B 36 -14.63 27.35 22.69
CA LEU B 36 -15.23 27.76 21.41
C LEU B 36 -16.69 27.38 21.37
N SER B 37 -17.52 28.15 20.66
CA SER B 37 -18.93 27.75 20.45
C SER B 37 -19.01 26.66 19.38
N GLU B 38 -20.17 26.02 19.27
CA GLU B 38 -20.42 25.03 18.20
C GLU B 38 -20.10 25.65 16.84
N GLU B 39 -20.65 26.84 16.63
CA GLU B 39 -20.47 27.61 15.40
C GLU B 39 -19.01 27.86 15.08
N GLU B 40 -18.25 28.25 16.08
CA GLU B 40 -16.85 28.63 15.89
C GLU B 40 -15.94 27.46 15.57
N TYR B 41 -16.25 26.28 16.11
CA TYR B 41 -15.47 25.05 15.84
C TYR B 41 -15.55 24.63 14.38
N TRP B 42 -16.76 24.60 13.82
CA TRP B 42 -16.90 24.25 12.40
C TRP B 42 -16.30 25.31 11.46
N LYS B 43 -16.30 26.57 11.87
CA LYS B 43 -15.67 27.64 11.08
C LYS B 43 -14.16 27.45 10.97
N LEU B 44 -13.55 27.01 12.06
CA LEU B 44 -12.15 26.56 12.06
C LEU B 44 -11.91 25.44 11.07
N GLN B 45 -12.80 24.45 11.08
CA GLN B 45 -12.64 23.27 10.22
C GLN B 45 -12.60 23.72 8.76
N ILE B 46 -13.55 24.56 8.36
CA ILE B 46 -13.56 25.18 7.04
C ILE B 46 -12.24 25.93 6.77
N PHE B 47 -11.82 26.74 7.74
CA PHE B 47 -10.65 27.59 7.57
C PHE B 47 -9.41 26.74 7.30
N PHE B 48 -9.15 25.75 8.15
CA PHE B 48 -8.01 24.85 7.93
C PHE B 48 -8.18 23.90 6.74
N THR B 49 -9.43 23.68 6.31
CA THR B 49 -9.66 22.98 5.05
C THR B 49 -9.24 23.86 3.86
N ASN B 50 -9.43 25.17 3.98
CA ASN B 50 -8.94 26.11 2.95
C ASN B 50 -7.44 26.29 2.99
N VAL B 51 -6.86 26.32 4.19
CA VAL B 51 -5.40 26.30 4.35
C VAL B 51 -4.77 25.11 3.62
N ILE B 52 -5.37 23.93 3.78
CA ILE B 52 -4.84 22.72 3.16
C ILE B 52 -5.00 22.73 1.63
N GLN B 53 -6.14 23.22 1.14
CA GLN B 53 -6.35 23.31 -0.31
C GLN B 53 -5.34 24.26 -0.96
N ALA B 54 -5.12 25.42 -0.35
CA ALA B 54 -4.15 26.39 -0.85
C ALA B 54 -2.72 25.82 -0.89
N LEU B 55 -2.31 25.16 0.21
CA LEU B 55 -0.97 24.50 0.26
C LEU B 55 -0.79 23.51 -0.86
N GLY B 56 -1.79 22.65 -1.05
CA GLY B 56 -1.76 21.65 -2.12
C GLY B 56 -1.68 22.27 -3.50
N GLU B 57 -2.38 23.38 -3.70
CA GLU B 57 -2.35 24.12 -4.96
C GLU B 57 -0.99 24.77 -5.22
N HIS B 58 -0.46 25.48 -4.23
CA HIS B 58 0.90 26.04 -4.32
C HIS B 58 1.97 24.96 -4.67
N LEU B 59 1.85 23.78 -4.06
CA LEU B 59 2.75 22.64 -4.36
C LEU B 59 2.43 21.90 -5.67
N LYS B 60 1.27 22.18 -6.28
CA LYS B 60 0.87 21.54 -7.56
C LYS B 60 0.59 20.04 -7.42
N LEU B 61 0.07 19.66 -6.25
CA LEU B 61 -0.33 18.29 -5.97
C LEU B 61 -1.74 18.12 -6.53
N ARG B 62 -2.08 16.88 -6.92
CA ARG B 62 -3.40 16.56 -7.44
C ARG B 62 -4.44 16.57 -6.32
N GLN B 63 -5.71 16.58 -6.71
CA GLN B 63 -6.80 16.67 -5.73
C GLN B 63 -6.87 15.48 -4.77
N GLN B 64 -6.47 14.29 -5.20
CA GLN B 64 -6.50 13.12 -4.32
C GLN B 64 -5.54 13.27 -3.13
N VAL B 65 -4.38 13.87 -3.37
CA VAL B 65 -3.40 14.12 -2.28
C VAL B 65 -3.93 15.15 -1.28
N ILE B 66 -4.58 16.18 -1.76
CA ILE B 66 -5.15 17.21 -0.89
C ILE B 66 -6.23 16.61 0.02
N ALA B 67 -7.10 15.76 -0.54
CA ALA B 67 -8.16 15.08 0.24
C ALA B 67 -7.59 14.13 1.32
N THR B 68 -6.56 13.36 0.97
CA THR B 68 -5.84 12.53 1.94
C THR B 68 -5.17 13.35 3.06
N ALA B 69 -4.52 14.46 2.69
CA ALA B 69 -3.98 15.39 3.71
C ALA B 69 -5.08 15.96 4.61
N THR B 70 -6.27 16.22 4.04
CA THR B 70 -7.38 16.74 4.83
C THR B 70 -7.90 15.69 5.79
N VAL B 71 -8.12 14.47 5.31
CA VAL B 71 -8.59 13.35 6.18
C VAL B 71 -7.64 13.05 7.33
N TYR B 72 -6.33 13.11 7.10
CA TYR B 72 -5.34 13.01 8.19
C TYR B 72 -5.53 14.10 9.22
N PHE B 73 -5.71 15.33 8.76
CA PHE B 73 -5.91 16.47 9.66
C PHE B 73 -7.15 16.23 10.54
N LYS B 74 -8.27 15.91 9.88
CA LYS B 74 -9.52 15.56 10.57
C LYS B 74 -9.36 14.41 11.55
N ARG B 75 -8.77 13.33 11.10
CA ARG B 75 -8.47 12.20 11.99
C ARG B 75 -7.77 12.69 13.23
N PHE B 76 -6.76 13.52 13.06
CA PHE B 76 -5.94 13.92 14.22
C PHE B 76 -6.80 14.63 15.25
N TYR B 77 -7.46 15.70 14.83
CA TYR B 77 -8.21 16.56 15.75
C TYR B 77 -9.61 16.02 16.11
N ALA B 78 -10.06 14.95 15.42
CA ALA B 78 -11.20 14.16 15.87
C ALA B 78 -10.88 13.52 17.22
N ARG B 79 -9.66 12.99 17.35
CA ARG B 79 -9.21 12.32 18.56
C ARG B 79 -8.68 13.31 19.61
N TYR B 80 -7.82 14.24 19.20
CA TYR B 80 -7.13 15.15 20.15
C TYR B 80 -7.53 16.63 20.03
N SER B 81 -7.14 17.41 21.03
CA SER B 81 -7.56 18.81 21.16
C SER B 81 -6.74 19.72 20.26
N LEU B 82 -7.34 20.89 19.96
CA LEU B 82 -6.68 21.94 19.17
C LEU B 82 -5.43 22.50 19.85
N LYS B 83 -5.36 22.40 21.19
CA LYS B 83 -4.15 22.80 21.93
C LYS B 83 -2.99 21.82 21.73
N SER B 84 -3.26 20.59 21.30
CA SER B 84 -2.28 19.48 21.37
C SER B 84 -1.05 19.75 20.53
N ILE B 85 -1.30 19.99 19.24
CA ILE B 85 -0.30 20.44 18.27
C ILE B 85 -0.93 21.62 17.55
N ASP B 86 -0.14 22.67 17.34
CA ASP B 86 -0.61 23.83 16.60
C ASP B 86 -1.08 23.33 15.21
N PRO B 87 -2.35 23.60 14.85
CA PRO B 87 -2.80 23.24 13.49
C PRO B 87 -2.13 23.98 12.32
N VAL B 88 -1.41 25.08 12.60
CA VAL B 88 -0.53 25.71 11.61
C VAL B 88 0.60 24.76 11.27
N LEU B 89 1.09 23.99 12.25
CA LEU B 89 2.16 23.03 12.04
C LEU B 89 1.65 21.71 11.45
N MET B 90 0.45 21.29 11.88
CA MET B 90 -0.14 20.02 11.44
C MET B 90 -0.51 20.03 9.97
N ALA B 91 -1.13 21.11 9.50
CA ALA B 91 -1.61 21.21 8.09
C ALA B 91 -0.55 20.92 7.00
N PRO B 92 0.61 21.62 7.03
CA PRO B 92 1.71 21.27 6.11
C PRO B 92 2.35 19.89 6.38
N THR B 93 2.22 19.40 7.60
CA THR B 93 2.67 18.05 7.93
C THR B 93 1.73 17.00 7.28
N CYS B 94 0.43 17.26 7.31
CA CYS B 94 -0.51 16.36 6.63
C CYS B 94 -0.30 16.32 5.12
N VAL B 95 0.02 17.45 4.51
CA VAL B 95 0.29 17.48 3.07
C VAL B 95 1.61 16.73 2.74
N PHE B 96 2.65 16.99 3.53
CA PHE B 96 3.92 16.26 3.45
C PHE B 96 3.74 14.75 3.46
N LEU B 97 3.10 14.22 4.49
CA LEU B 97 2.94 12.77 4.63
C LEU B 97 2.07 12.20 3.51
N ALA B 98 0.98 12.90 3.19
CA ALA B 98 0.05 12.45 2.16
C ALA B 98 0.73 12.37 0.82
N SER B 99 1.57 13.35 0.53
CA SER B 99 2.37 13.34 -0.69
C SER B 99 3.31 12.16 -0.79
N LYS B 100 3.80 11.66 0.33
CA LYS B 100 4.61 10.42 0.27
C LYS B 100 3.73 9.19 0.06
N VAL B 101 2.52 9.19 0.62
CA VAL B 101 1.61 8.03 0.49
C VAL B 101 1.04 7.86 -0.91
N GLU B 102 0.59 8.96 -1.53
CA GLU B 102 0.05 8.93 -2.91
C GLU B 102 1.12 8.84 -4.02
N GLU B 103 2.39 8.71 -3.62
CA GLU B 103 3.51 8.33 -4.50
C GLU B 103 3.92 9.45 -5.48
N PHE B 104 3.88 10.68 -4.98
CA PHE B 104 4.39 11.85 -5.72
C PHE B 104 5.73 12.35 -5.20
N GLY B 105 6.19 11.80 -4.08
CA GLY B 105 7.55 12.04 -3.60
C GLY B 105 7.65 12.92 -2.38
N VAL B 106 8.88 13.00 -1.85
CA VAL B 106 9.18 13.87 -0.72
C VAL B 106 9.27 15.30 -1.25
N VAL B 107 8.42 16.19 -0.71
CA VAL B 107 8.55 17.61 -0.99
C VAL B 107 9.86 18.07 -0.34
N SER B 108 10.62 18.92 -1.03
CA SER B 108 11.90 19.38 -0.52
C SER B 108 11.74 20.15 0.77
N ASN B 109 12.76 20.06 1.62
CA ASN B 109 12.75 20.74 2.92
C ASN B 109 12.67 22.26 2.73
N THR B 110 13.24 22.73 1.63
CA THR B 110 13.14 24.11 1.21
C THR B 110 11.76 24.42 0.64
N ARG B 111 11.24 23.53 -0.20
CA ARG B 111 10.01 23.79 -0.94
C ARG B 111 8.75 23.77 -0.06
N LEU B 112 8.66 22.78 0.82
CA LEU B 112 7.55 22.66 1.76
C LEU B 112 7.42 23.87 2.71
N ILE B 113 8.56 24.38 3.18
CA ILE B 113 8.60 25.54 4.09
C ILE B 113 8.34 26.87 3.35
N ALA B 114 8.89 27.01 2.16
CA ALA B 114 8.58 28.15 1.30
C ALA B 114 7.11 28.14 0.90
N ALA B 115 6.56 26.92 0.70
CA ALA B 115 5.14 26.72 0.43
C ALA B 115 4.29 27.21 1.59
N ALA B 116 4.58 26.70 2.79
CA ALA B 116 3.89 27.10 4.03
C ALA B 116 3.96 28.61 4.25
N THR B 117 5.14 29.19 4.06
CA THR B 117 5.38 30.59 4.34
C THR B 117 4.70 31.52 3.32
N SER B 118 4.80 31.17 2.03
CA SER B 118 4.20 31.98 0.97
C SER B 118 2.67 31.95 0.97
N VAL B 119 2.08 30.79 1.29
CA VAL B 119 0.62 30.66 1.31
C VAL B 119 -0.05 31.39 2.50
N LEU B 120 0.56 31.31 3.67
CA LEU B 120 0.04 32.05 4.83
C LEU B 120 0.20 33.55 4.67
N LYS B 121 1.30 33.98 4.03
CA LYS B 121 1.56 35.39 3.79
C LYS B 121 0.63 35.94 2.72
N THR B 122 0.54 35.25 1.59
CA THR B 122 -0.26 35.72 0.45
C THR B 122 -1.77 35.51 0.70
N ARG B 123 -2.19 34.26 0.73
CA ARG B 123 -3.62 33.94 0.76
C ARG B 123 -4.29 34.07 2.12
N PHE B 124 -3.51 34.02 3.21
CA PHE B 124 -4.09 34.01 4.58
C PHE B 124 -3.57 35.09 5.56
N SER B 125 -3.05 36.22 5.08
CA SER B 125 -2.57 37.28 6.00
C SER B 125 -3.64 37.86 6.94
N TYR B 126 -4.92 37.77 6.55
CA TYR B 126 -6.03 38.23 7.41
C TYR B 126 -6.10 37.55 8.79
N ALA B 127 -5.76 36.26 8.83
CA ALA B 127 -5.70 35.48 10.07
C ALA B 127 -4.28 35.36 10.66
N PHE B 128 -3.26 35.67 9.86
CA PHE B 128 -1.86 35.47 10.28
C PHE B 128 -1.01 36.73 9.98
N PRO B 129 -0.72 37.53 11.02
CA PRO B 129 0.19 38.67 10.83
C PRO B 129 1.65 38.25 10.72
N LYS B 130 2.09 37.36 11.62
CA LYS B 130 3.49 36.92 11.70
C LYS B 130 3.79 35.85 10.65
N GLU B 131 5.03 35.80 10.19
CA GLU B 131 5.48 34.80 9.23
C GLU B 131 5.44 33.38 9.82
N PHE B 132 5.47 32.39 8.92
CA PHE B 132 5.38 30.98 9.30
C PHE B 132 6.54 30.56 10.23
N PRO B 133 6.24 30.24 11.51
CA PRO B 133 7.31 30.15 12.49
C PRO B 133 8.10 28.83 12.52
N TYR B 134 7.64 27.81 11.81
CA TYR B 134 8.19 26.46 11.93
C TYR B 134 9.19 26.14 10.83
N ARG B 135 10.15 25.31 11.22
CA ARG B 135 11.19 24.80 10.33
C ARG B 135 10.98 23.30 10.18
N MET B 136 11.76 22.70 9.29
CA MET B 136 11.57 21.30 8.91
C MET B 136 11.69 20.29 10.05
N ASN B 137 12.54 20.56 11.04
CA ASN B 137 12.63 19.70 12.24
C ASN B 137 11.32 19.61 13.05
N HIS B 138 10.51 20.67 13.00
CA HIS B 138 9.18 20.68 13.63
C HIS B 138 8.18 19.86 12.82
N ILE B 139 8.30 19.93 11.49
CA ILE B 139 7.53 19.11 10.58
C ILE B 139 7.85 17.63 10.81
N LEU B 140 9.15 17.31 10.89
CA LEU B 140 9.56 15.91 11.03
C LEU B 140 9.03 15.33 12.34
N GLU B 141 9.13 16.10 13.42
CA GLU B 141 8.59 15.72 14.74
C GLU B 141 7.08 15.50 14.71
N CYS B 142 6.35 16.44 14.08
CA CYS B 142 4.89 16.38 14.00
C CYS B 142 4.46 15.15 13.22
N GLU B 143 5.06 14.93 12.07
CA GLU B 143 4.80 13.76 11.21
C GLU B 143 4.82 12.48 12.04
N PHE B 144 5.83 12.36 12.90
CA PHE B 144 5.91 11.26 13.86
C PHE B 144 4.69 11.16 14.77
N TYR B 145 4.20 12.28 15.31
CA TYR B 145 2.96 12.28 16.11
C TYR B 145 1.72 11.95 15.27
N LEU B 146 1.70 12.41 14.02
CA LEU B 146 0.57 12.16 13.11
C LEU B 146 0.41 10.67 12.80
N LEU B 147 1.52 10.03 12.46
CA LEU B 147 1.53 8.60 12.12
C LEU B 147 1.15 7.72 13.31
N GLU B 148 1.45 8.19 14.52
CA GLU B 148 1.13 7.44 15.74
C GLU B 148 -0.37 7.46 16.01
N LEU B 149 -0.96 8.66 16.04
CA LEU B 149 -2.41 8.78 16.28
C LEU B 149 -3.28 8.05 15.25
N MET B 150 -2.82 8.00 14.01
CA MET B 150 -3.55 7.28 12.96
C MET B 150 -3.34 5.76 12.99
N ASP B 151 -2.50 5.26 13.92
CA ASP B 151 -2.22 3.82 14.03
C ASP B 151 -1.71 3.32 12.67
N CYS B 152 -0.78 4.08 12.10
CA CYS B 152 -0.21 3.83 10.77
C CYS B 152 -1.22 3.52 9.64
N CYS B 153 -2.45 4.01 9.76
CA CYS B 153 -3.45 3.86 8.72
C CYS B 153 -3.21 4.94 7.70
N LEU B 154 -2.67 4.59 6.53
CA LEU B 154 -2.25 5.56 5.52
C LEU B 154 -3.12 5.62 4.27
N ILE B 155 -3.59 4.49 3.79
CA ILE B 155 -4.43 4.46 2.58
C ILE B 155 -5.83 5.00 2.91
N VAL B 156 -6.24 6.01 2.14
CA VAL B 156 -7.52 6.68 2.31
C VAL B 156 -8.29 6.61 0.99
N TYR B 157 -9.55 6.18 1.10
CA TYR B 157 -10.51 6.10 0.01
C TYR B 157 -11.34 7.39 0.03
N HIS B 158 -11.73 7.87 -1.15
CA HIS B 158 -12.46 9.13 -1.30
C HIS B 158 -13.65 8.99 -2.28
N PRO B 159 -14.54 10.00 -2.33
CA PRO B 159 -15.74 9.83 -3.18
C PRO B 159 -15.54 10.01 -4.69
N TYR B 160 -14.36 10.42 -5.13
CA TYR B 160 -14.15 10.82 -6.52
C TYR B 160 -14.22 9.65 -7.49
N ARG B 161 -13.65 8.50 -7.11
CA ARG B 161 -13.70 7.30 -7.96
C ARG B 161 -15.11 6.75 -8.11
N PRO B 162 -15.81 6.44 -7.00
CA PRO B 162 -17.21 6.01 -7.21
C PRO B 162 -18.11 7.05 -7.90
N LEU B 163 -17.84 8.34 -7.73
CA LEU B 163 -18.62 9.41 -8.40
C LEU B 163 -18.51 9.31 -9.93
N LEU B 164 -17.28 9.16 -10.43
CA LEU B 164 -17.04 8.94 -11.85
C LEU B 164 -17.74 7.68 -12.37
N GLN B 165 -17.73 6.61 -11.57
CA GLN B 165 -18.37 5.33 -11.95
C GLN B 165 -19.90 5.43 -12.04
N TYR B 166 -20.51 6.20 -11.15
CA TYR B 166 -21.96 6.43 -11.21
C TYR B 166 -22.37 7.27 -12.41
N VAL B 167 -21.63 8.36 -12.66
CA VAL B 167 -21.99 9.29 -13.74
C VAL B 167 -21.73 8.70 -15.13
N GLN B 168 -20.69 7.87 -15.27
CA GLN B 168 -20.51 7.01 -16.46
C GLN B 168 -21.76 6.13 -16.69
N ASP B 169 -22.23 5.48 -15.62
CA ASP B 169 -23.44 4.63 -15.64
C ASP B 169 -24.73 5.39 -16.02
N MET B 170 -24.87 6.63 -15.53
CA MET B 170 -25.97 7.52 -15.92
C MET B 170 -25.89 7.92 -17.40
N GLY B 171 -24.68 8.08 -17.91
CA GLY B 171 -24.43 8.55 -19.27
C GLY B 171 -24.46 10.06 -19.38
N GLN B 172 -23.98 10.74 -18.32
CA GLN B 172 -24.13 12.20 -18.19
C GLN B 172 -22.86 12.95 -17.76
N GLU B 173 -21.68 12.33 -17.93
CA GLU B 173 -20.39 12.89 -17.48
C GLU B 173 -20.21 14.39 -17.78
N ASP B 174 -20.49 14.81 -19.02
CA ASP B 174 -20.40 16.22 -19.40
C ASP B 174 -21.38 17.11 -18.62
N MET B 175 -22.62 16.62 -18.46
CA MET B 175 -23.68 17.40 -17.82
C MET B 175 -23.49 17.51 -16.32
N LEU B 176 -23.34 16.38 -15.63
CA LEU B 176 -23.39 16.34 -14.15
C LEU B 176 -22.06 16.29 -13.39
N LEU B 177 -20.98 15.81 -14.02
CA LEU B 177 -19.74 15.53 -13.28
C LEU B 177 -19.04 16.78 -12.73
N PRO B 178 -18.81 17.80 -13.58
CA PRO B 178 -18.11 18.98 -13.08
C PRO B 178 -18.71 19.51 -11.77
N LEU B 179 -20.02 19.63 -11.71
CA LEU B 179 -20.70 20.12 -10.51
C LEU B 179 -20.64 19.12 -9.36
N ALA B 180 -20.92 17.84 -9.63
CA ALA B 180 -20.89 16.81 -8.57
C ALA B 180 -19.50 16.71 -7.91
N TRP B 181 -18.46 16.79 -8.73
CA TRP B 181 -17.06 16.80 -8.28
C TRP B 181 -16.81 17.97 -7.32
N ARG B 182 -17.36 19.14 -7.65
CA ARG B 182 -17.20 20.36 -6.84
C ARG B 182 -17.90 20.22 -5.49
N ILE B 183 -19.07 19.59 -5.49
CA ILE B 183 -19.76 19.34 -4.22
C ILE B 183 -18.96 18.35 -3.36
N VAL B 184 -18.24 17.42 -3.98
CA VAL B 184 -17.42 16.47 -3.21
C VAL B 184 -16.28 17.20 -2.48
N ASN B 185 -15.60 18.10 -3.19
CA ASN B 185 -14.60 18.99 -2.59
C ASN B 185 -15.16 19.67 -1.36
N ASP B 186 -16.33 20.28 -1.52
CA ASP B 186 -16.96 21.05 -0.43
C ASP B 186 -17.33 20.21 0.80
N THR B 187 -17.60 18.91 0.62
CA THR B 187 -17.96 18.04 1.74
C THR B 187 -16.83 17.96 2.74
N TYR B 188 -15.59 18.12 2.25
CA TYR B 188 -14.43 18.12 3.15
C TYR B 188 -14.38 19.25 4.16
N ARG B 189 -15.25 20.26 3.98
CA ARG B 189 -15.46 21.29 4.99
C ARG B 189 -16.22 20.75 6.21
N THR B 190 -16.68 19.48 6.15
CA THR B 190 -17.54 18.92 7.18
C THR B 190 -16.97 17.62 7.71
N ASP B 191 -17.61 17.06 8.75
CA ASP B 191 -17.17 15.80 9.35
C ASP B 191 -17.49 14.56 8.51
N LEU B 192 -18.33 14.69 7.47
CA LEU B 192 -18.86 13.54 6.68
C LEU B 192 -17.88 12.39 6.46
N CYS B 193 -16.67 12.70 6.00
CA CYS B 193 -15.68 11.68 5.62
C CYS B 193 -15.21 10.77 6.77
N LEU B 194 -15.54 11.15 8.01
CA LEU B 194 -15.30 10.32 9.21
C LEU B 194 -16.55 9.55 9.66
N LEU B 195 -17.68 9.73 8.96
CA LEU B 195 -18.98 9.18 9.39
C LEU B 195 -19.74 8.34 8.35
N TYR B 196 -19.43 8.51 7.06
CA TYR B 196 -20.09 7.76 6.01
C TYR B 196 -19.05 7.18 5.05
N PRO B 197 -19.28 5.95 4.55
CA PRO B 197 -18.48 5.44 3.45
C PRO B 197 -18.43 6.39 2.27
N PRO B 198 -17.26 6.52 1.62
CA PRO B 198 -17.09 7.47 0.50
C PRO B 198 -18.06 7.31 -0.67
N PHE B 199 -18.54 6.10 -0.93
CA PHE B 199 -19.49 5.89 -2.01
C PHE B 199 -20.83 6.58 -1.72
N MET B 200 -21.24 6.60 -0.45
CA MET B 200 -22.51 7.21 -0.04
C MET B 200 -22.46 8.72 -0.14
N ILE B 201 -21.29 9.29 0.17
CA ILE B 201 -21.05 10.73 0.03
C ILE B 201 -21.18 11.10 -1.43
N ALA B 202 -20.52 10.31 -2.28
CA ALA B 202 -20.63 10.42 -3.74
C ALA B 202 -22.08 10.52 -4.24
N LEU B 203 -22.94 9.63 -3.76
CA LEU B 203 -24.35 9.58 -4.20
C LEU B 203 -25.07 10.84 -3.79
N ALA B 204 -24.93 11.20 -2.52
CA ALA B 204 -25.45 12.46 -2.00
C ALA B 204 -25.04 13.69 -2.83
N CYS B 205 -23.76 13.80 -3.15
CA CYS B 205 -23.26 14.91 -3.99
C CYS B 205 -23.84 14.85 -5.38
N LEU B 206 -23.92 13.64 -5.95
CA LEU B 206 -24.57 13.42 -7.25
C LEU B 206 -26.05 13.82 -7.22
N HIS B 207 -26.71 13.58 -6.09
CA HIS B 207 -28.12 13.94 -5.96
C HIS B 207 -28.30 15.46 -5.92
N VAL B 208 -27.48 16.16 -5.16
CA VAL B 208 -27.54 17.64 -5.10
C VAL B 208 -27.20 18.24 -6.46
N ALA B 209 -26.24 17.65 -7.16
CA ALA B 209 -25.91 18.04 -8.52
C ALA B 209 -27.09 17.89 -9.48
N CYS B 210 -27.89 16.84 -9.29
CA CYS B 210 -29.06 16.61 -10.14
C CYS B 210 -30.18 17.61 -9.87
N VAL B 211 -30.43 17.91 -8.58
CA VAL B 211 -31.44 18.91 -8.20
C VAL B 211 -31.05 20.30 -8.71
N VAL B 212 -29.77 20.64 -8.60
CA VAL B 212 -29.27 21.95 -9.00
C VAL B 212 -29.48 22.18 -10.49
N GLN B 213 -29.07 21.22 -11.32
CA GLN B 213 -29.25 21.30 -12.79
C GLN B 213 -30.59 20.77 -13.32
N GLN B 214 -31.50 20.43 -12.40
CA GLN B 214 -32.88 20.01 -12.71
C GLN B 214 -32.99 18.74 -13.57
N LYS B 215 -31.97 17.87 -13.51
CA LYS B 215 -32.04 16.57 -14.17
C LYS B 215 -32.82 15.60 -13.28
N ASP B 216 -33.87 15.01 -13.85
CA ASP B 216 -34.61 13.95 -13.17
C ASP B 216 -33.74 12.69 -13.20
N ALA B 217 -33.38 12.22 -12.01
CA ALA B 217 -32.76 10.91 -11.85
C ALA B 217 -33.46 10.10 -10.76
N ARG B 218 -34.78 10.29 -10.62
N ARG B 218 -34.78 10.29 -10.63
CA ARG B 218 -35.57 9.61 -9.59
CA ARG B 218 -35.59 9.61 -9.62
C ARG B 218 -35.43 8.09 -9.64
C ARG B 218 -35.42 8.09 -9.64
N GLN B 219 -35.58 7.52 -10.84
CA GLN B 219 -35.58 6.06 -11.01
C GLN B 219 -34.18 5.45 -10.99
N TRP B 220 -33.19 6.12 -11.58
CA TRP B 220 -31.79 5.68 -11.44
C TRP B 220 -31.43 5.43 -9.97
N PHE B 221 -31.73 6.43 -9.13
CA PHE B 221 -31.48 6.35 -7.68
C PHE B 221 -32.26 5.21 -6.98
N ALA B 222 -33.57 5.11 -7.25
CA ALA B 222 -34.39 4.05 -6.64
C ALA B 222 -33.98 2.64 -7.10
N GLU B 223 -33.45 2.55 -8.32
CA GLU B 223 -32.85 1.30 -8.86
C GLU B 223 -31.54 0.86 -8.16
N LEU B 224 -30.87 1.77 -7.46
CA LEU B 224 -29.73 1.41 -6.59
C LEU B 224 -30.22 0.70 -5.33
N SER B 225 -29.29 0.09 -4.60
CA SER B 225 -29.58 -0.69 -3.41
C SER B 225 -28.72 -0.20 -2.26
N VAL B 226 -29.30 0.70 -1.46
CA VAL B 226 -28.60 1.29 -0.31
C VAL B 226 -29.60 1.95 0.64
N ASP B 227 -29.23 2.11 1.91
CA ASP B 227 -30.06 2.83 2.85
C ASP B 227 -30.17 4.29 2.38
N MET B 228 -31.33 4.64 1.82
CA MET B 228 -31.61 6.01 1.39
C MET B 228 -31.77 6.98 2.54
N GLU B 229 -32.13 6.47 3.72
CA GLU B 229 -32.22 7.30 4.93
C GLU B 229 -30.84 7.88 5.27
N LYS B 230 -29.80 7.07 5.10
CA LYS B 230 -28.41 7.53 5.24
C LYS B 230 -28.04 8.58 4.18
N ILE B 231 -28.36 8.31 2.91
CA ILE B 231 -28.06 9.28 1.83
C ILE B 231 -28.79 10.63 2.07
N LEU B 232 -30.02 10.57 2.58
CA LEU B 232 -30.76 11.76 3.01
C LEU B 232 -30.08 12.54 4.15
N GLU B 233 -29.49 11.85 5.12
CA GLU B 233 -28.69 12.50 6.17
C GLU B 233 -27.56 13.34 5.58
N ILE B 234 -26.90 12.81 4.54
CA ILE B 234 -25.74 13.45 3.93
C ILE B 234 -26.18 14.67 3.12
N ILE B 235 -27.18 14.46 2.27
CA ILE B 235 -27.81 15.54 1.50
C ILE B 235 -28.22 16.73 2.40
N ARG B 236 -28.71 16.42 3.61
CA ARG B 236 -29.08 17.46 4.60
C ARG B 236 -27.88 18.28 5.09
N VAL B 237 -26.75 17.59 5.30
CA VAL B 237 -25.49 18.22 5.73
C VAL B 237 -24.87 19.07 4.63
N ILE B 238 -24.98 18.60 3.39
CA ILE B 238 -24.47 19.34 2.24
C ILE B 238 -25.27 20.63 2.04
N LEU B 239 -26.59 20.52 2.00
CA LEU B 239 -27.47 21.70 1.97
C LEU B 239 -27.19 22.65 3.13
N LYS B 240 -26.97 22.09 4.32
CA LYS B 240 -26.67 22.88 5.52
C LYS B 240 -25.39 23.70 5.35
N LEU B 241 -24.33 23.07 4.84
CA LEU B 241 -23.01 23.74 4.69
C LEU B 241 -23.06 24.94 3.74
N TYR B 242 -23.92 24.88 2.72
CA TYR B 242 -24.10 26.00 1.80
C TYR B 242 -24.82 27.20 2.42
N GLU B 243 -25.53 27.00 3.53
CA GLU B 243 -26.10 28.10 4.31
C GLU B 243 -25.08 28.65 5.29
N GLN B 244 -24.26 27.77 5.86
CA GLN B 244 -23.12 28.14 6.70
C GLN B 244 -22.14 29.02 5.91
N TRP B 245 -21.74 28.53 4.74
CA TRP B 245 -20.89 29.24 3.76
C TRP B 245 -21.37 30.67 3.51
N LYS B 246 -22.66 30.77 3.22
CA LYS B 246 -23.31 32.06 2.95
C LYS B 246 -23.16 33.04 4.12
N ASN B 247 -23.36 32.57 5.35
CA ASN B 247 -23.36 33.43 6.55
C ASN B 247 -22.01 33.68 7.20
N PHE B 248 -20.96 33.07 6.67
CA PHE B 248 -19.66 33.03 7.29
C PHE B 248 -18.73 33.90 6.47
N ASP B 249 -18.23 34.98 7.08
CA ASP B 249 -17.15 35.75 6.46
C ASP B 249 -15.81 35.31 7.04
N GLU B 250 -15.28 34.22 6.46
CA GLU B 250 -13.97 33.68 6.82
C GLU B 250 -12.95 34.80 7.10
N ARG B 251 -12.89 35.77 6.19
CA ARG B 251 -11.89 36.83 6.26
C ARG B 251 -12.13 37.84 7.39
N LYS B 252 -13.39 38.15 7.66
CA LYS B 252 -13.74 39.15 8.67
C LYS B 252 -13.90 38.62 10.10
N GLU B 253 -13.76 37.29 10.29
CA GLU B 253 -13.99 36.63 11.60
C GLU B 253 -12.88 35.70 12.13
N MET B 254 -11.95 35.26 11.28
CA MET B 254 -11.08 34.15 11.65
C MET B 254 -9.95 34.49 12.61
N ALA B 255 -9.53 35.76 12.62
CA ALA B 255 -8.46 36.21 13.52
C ALA B 255 -8.94 36.20 14.95
N THR B 256 -10.17 36.64 15.17
CA THR B 256 -10.80 36.56 16.48
C THR B 256 -11.01 35.10 16.91
N ILE B 257 -11.61 34.30 16.02
CA ILE B 257 -11.84 32.88 16.30
C ILE B 257 -10.53 32.12 16.62
N LEU B 258 -9.48 32.38 15.85
CA LEU B 258 -8.18 31.74 16.10
C LEU B 258 -7.58 32.10 17.46
N SER B 259 -7.84 33.33 17.92
CA SER B 259 -7.37 33.79 19.23
C SER B 259 -8.03 33.07 20.41
N LYS B 260 -9.25 32.53 20.19
CA LYS B 260 -10.01 31.82 21.21
C LYS B 260 -9.64 30.34 21.39
N MET B 261 -9.00 29.72 20.38
CA MET B 261 -8.47 28.33 20.49
C MET B 261 -7.65 28.14 21.76
N PRO B 262 -7.79 26.99 22.43
CA PRO B 262 -6.97 26.75 23.64
C PRO B 262 -5.45 26.72 23.39
N LYS B 263 -4.71 27.10 24.43
CA LYS B 263 -3.27 27.35 24.32
C LYS B 263 -2.45 26.09 24.61
N PRO B 264 -1.42 25.79 23.79
CA PRO B 264 -0.51 24.70 24.11
C PRO B 264 0.33 25.06 25.33
N LYS B 265 0.12 24.33 26.43
CA LYS B 265 0.87 24.55 27.68
C LYS B 265 2.36 24.28 27.45
N PRO B 266 3.24 25.23 27.87
CA PRO B 266 4.67 25.02 27.69
C PRO B 266 5.27 24.27 28.89
N PRO B 267 6.55 23.84 28.79
CA PRO B 267 7.21 23.21 29.95
C PRO B 267 7.54 24.23 31.05
N PRO B 268 7.67 23.77 32.31
CA PRO B 268 7.79 24.69 33.45
C PRO B 268 9.19 25.30 33.58
O23 0SU C . 8.10 -8.64 3.79
C18 0SU C . 8.49 -7.51 3.95
N19 0SU C . 9.39 -7.22 4.97
C20 0SU C . 9.98 -8.18 5.91
C21 0SU C . 11.49 -8.00 5.99
O22 0SU C . 11.96 -6.90 5.21
N17 0SU C . 8.06 -6.44 3.19
C10 0SU C . 7.17 -6.49 2.07
C11 0SU C . 6.32 -7.50 1.67
C9 0SU C . 5.76 -7.08 0.50
C12 0SU C . 4.74 -7.81 -0.39
C15 0SU C . 5.30 -9.18 -0.79
C14 0SU C . 3.42 -8.01 0.36
C13 0SU C . 4.50 -6.97 -1.65
N8 0SU C . 6.26 -5.87 0.22
N7 0SU C . 7.06 -5.52 1.13
C4 0SU C . 7.76 -4.22 1.02
C2 0SU C . 7.02 -3.09 0.68
C6 0SU C . 9.14 -4.11 1.19
C5 0SU C . 9.78 -2.88 1.04
C3 0SU C . 9.03 -1.76 0.72
C16 0SU C . 9.70 -0.41 0.56
C1 0SU C . 7.65 -1.86 0.53
C1 EDO D . -6.93 -3.93 8.21
O1 EDO D . -6.48 -5.20 7.69
C2 EDO D . -7.01 -4.02 9.73
O2 EDO D . -7.66 -2.87 10.32
C FMT E . -0.25 -1.26 14.97
O1 FMT E . 0.81 -0.69 15.22
O2 FMT E . -0.43 -1.88 13.92
#